data_4CJM
#
_entry.id   4CJM
#
_cell.length_a   65.760
_cell.length_b   49.496
_cell.length_c   100.854
_cell.angle_alpha   90.00
_cell.angle_beta   101.74
_cell.angle_gamma   90.00
#
_symmetry.space_group_name_H-M   'P 1 21 1'
#
loop_
_entity.id
_entity.type
_entity.pdbx_description
1 polymer 'FIBROBLAST GROWTH FACTOR 18'
2 non-polymer 'SULFATE ION'
3 water water
#
_entity_poly.entity_id   1
_entity_poly.type   'polypeptide(L)'
_entity_poly.pdbx_seq_one_letter_code
;KQLRLYQLYSRTSGKHIQVLGRRISARGEDGDKYAQLLVETDTFGSQVRIKGKETEFYLCMNRKGKLVGKPDGTSKECVF
IEKVLENNYTALMSAKYSGWYVGFTKKGRPRKGPKTRENQQDVHFMKRYPKGQPELQKPFK
;
_entity_poly.pdbx_strand_id   A,B,C,D
#
loop_
_chem_comp.id
_chem_comp.type
_chem_comp.name
_chem_comp.formula
SO4 non-polymer 'SULFATE ION' 'O4 S -2'
#
# COMPACT_ATOMS: atom_id res chain seq x y z
N GLN A 2 -3.94 -7.53 -3.67
CA GLN A 2 -2.52 -8.01 -3.67
C GLN A 2 -1.53 -7.04 -4.29
N LEU A 3 -0.40 -6.83 -3.62
CA LEU A 3 0.69 -5.98 -4.10
C LEU A 3 1.89 -6.81 -4.56
N ARG A 4 2.46 -6.50 -5.72
CA ARG A 4 3.67 -7.19 -6.19
C ARG A 4 4.71 -6.20 -6.74
N LEU A 5 5.98 -6.59 -6.65
CA LEU A 5 7.09 -5.78 -7.16
C LEU A 5 7.70 -6.47 -8.38
N TYR A 6 7.83 -5.77 -9.49
CA TYR A 6 8.56 -6.30 -10.63
C TYR A 6 8.85 -5.27 -11.72
N GLN A 7 9.45 -5.75 -12.82
CA GLN A 7 9.77 -4.93 -13.98
C GLN A 7 8.99 -5.39 -15.20
N LEU A 8 8.71 -4.46 -16.11
CA LEU A 8 8.01 -4.78 -17.35
C LEU A 8 8.93 -4.57 -18.54
N TYR A 9 9.29 -5.69 -19.19
CA TYR A 9 10.17 -5.70 -20.35
C TYR A 9 9.33 -5.45 -21.59
N SER A 10 9.71 -4.44 -22.38
CA SER A 10 9.01 -4.11 -23.61
C SER A 10 9.47 -5.00 -24.74
N ARG A 11 8.55 -5.73 -25.34
CA ARG A 11 8.86 -6.52 -26.52
C ARG A 11 9.58 -5.74 -27.62
N THR A 12 9.17 -4.50 -27.89
CA THR A 12 9.76 -3.75 -29.00
C THR A 12 10.97 -2.98 -28.58
N SER A 13 10.98 -2.44 -27.38
CA SER A 13 12.08 -1.57 -26.97
C SER A 13 13.27 -2.36 -26.47
N GLY A 14 13.04 -3.59 -26.01
CA GLY A 14 14.11 -4.41 -25.46
C GLY A 14 14.60 -4.00 -24.07
N LYS A 15 14.02 -2.96 -23.50
CA LYS A 15 14.39 -2.48 -22.18
C LYS A 15 13.13 -2.42 -21.34
N HIS A 16 13.27 -1.95 -20.10
CA HIS A 16 12.17 -1.93 -19.17
C HIS A 16 11.52 -0.58 -19.01
N ILE A 17 10.23 -0.61 -18.68
CA ILE A 17 9.44 0.58 -18.40
C ILE A 17 10.04 1.29 -17.21
N GLN A 18 10.20 2.60 -17.37
CA GLN A 18 10.67 3.49 -16.33
C GLN A 18 9.62 4.55 -15.99
N VAL A 19 9.35 4.73 -14.69
CA VAL A 19 8.58 5.86 -14.21
C VAL A 19 9.62 6.84 -13.69
N LEU A 20 9.98 7.78 -14.55
CA LEU A 20 11.00 8.78 -14.26
C LEU A 20 10.45 9.97 -13.48
N GLY A 21 9.14 9.97 -13.24
CA GLY A 21 8.46 11.11 -12.68
C GLY A 21 7.27 11.36 -13.57
N ARG A 22 7.06 12.59 -13.98
CA ARG A 22 6.02 12.90 -14.94
C ARG A 22 6.25 12.16 -16.25
N ARG A 23 7.51 12.01 -16.64
CA ARG A 23 7.86 11.36 -17.91
C ARG A 23 7.87 9.84 -17.76
N ILE A 24 7.37 9.17 -18.79
CA ILE A 24 7.34 7.71 -18.85
C ILE A 24 8.15 7.26 -20.06
N SER A 25 8.89 6.17 -19.88
CA SER A 25 9.75 5.68 -20.94
C SER A 25 10.00 4.20 -20.76
N ALA A 26 10.59 3.54 -21.77
CA ALA A 26 10.96 2.14 -21.65
C ALA A 26 12.40 1.93 -22.09
N ARG A 27 13.33 2.60 -21.41
CA ARG A 27 14.75 2.51 -21.73
C ARG A 27 15.55 2.02 -20.52
N GLY A 28 14.88 1.35 -19.60
CA GLY A 28 15.51 0.93 -18.36
C GLY A 28 16.28 -0.37 -18.51
N GLU A 29 17.57 -0.35 -18.13
CA GLU A 29 18.32 -1.57 -17.99
C GLU A 29 17.73 -2.38 -16.84
N ASP A 30 18.04 -3.67 -16.80
CA ASP A 30 17.57 -4.51 -15.72
C ASP A 30 18.09 -3.93 -14.41
N GLY A 31 17.20 -3.73 -13.44
CA GLY A 31 17.59 -3.22 -12.14
C GLY A 31 17.62 -1.72 -12.00
N ASP A 32 17.40 -1.00 -13.10
CA ASP A 32 17.30 0.45 -13.06
C ASP A 32 16.32 0.79 -11.95
N LYS A 33 16.66 1.76 -11.11
CA LYS A 33 15.80 2.10 -9.95
C LYS A 33 14.41 2.60 -10.37
N TYR A 34 14.36 3.34 -11.48
CA TYR A 34 13.08 3.84 -12.01
C TYR A 34 12.24 2.77 -12.73
N ALA A 35 12.77 1.56 -12.88
CA ALA A 35 12.05 0.48 -13.52
C ALA A 35 11.40 -0.49 -12.53
N GLN A 36 11.64 -0.27 -11.26
CA GLN A 36 11.03 -1.11 -10.23
C GLN A 36 9.60 -0.62 -10.03
N LEU A 37 8.65 -1.51 -10.30
CA LEU A 37 7.22 -1.15 -10.28
C LEU A 37 6.46 -1.88 -9.20
N LEU A 38 5.79 -1.11 -8.34
CA LEU A 38 4.84 -1.69 -7.39
C LEU A 38 3.50 -1.78 -8.12
N VAL A 39 2.97 -3.01 -8.23
CA VAL A 39 1.77 -3.24 -8.97
C VAL A 39 0.69 -3.78 -8.05
N GLU A 40 -0.44 -3.10 -8.06
CA GLU A 40 -1.54 -3.42 -7.18
C GLU A 40 -2.58 -4.13 -8.04
N THR A 41 -3.04 -5.30 -7.61
CA THR A 41 -3.99 -6.08 -8.41
C THR A 41 -5.27 -6.27 -7.60
N ASP A 42 -6.42 -5.83 -8.11
CA ASP A 42 -7.68 -5.94 -7.29
C ASP A 42 -8.07 -7.42 -7.07
N THR A 43 -9.04 -7.65 -6.18
CA THR A 43 -9.46 -9.02 -5.84
C THR A 43 -10.03 -9.83 -7.01
N PHE A 44 -10.53 -9.16 -8.04
CA PHE A 44 -11.04 -9.83 -9.23
C PHE A 44 -9.89 -10.39 -10.08
N GLY A 45 -8.78 -9.66 -10.11
CA GLY A 45 -7.61 -10.04 -10.84
C GLY A 45 -7.53 -9.43 -12.22
N SER A 46 -8.37 -8.44 -12.53
CA SER A 46 -8.40 -7.92 -13.88
C SER A 46 -7.66 -6.61 -13.97
N GLN A 47 -7.87 -5.79 -12.96
CA GLN A 47 -7.36 -4.42 -12.98
C GLN A 47 -6.10 -4.23 -12.14
N VAL A 48 -5.25 -3.30 -12.58
CA VAL A 48 -3.99 -3.02 -11.92
C VAL A 48 -3.73 -1.53 -11.86
N ARG A 49 -3.02 -1.14 -10.80
CA ARG A 49 -2.39 0.17 -10.74
C ARG A 49 -0.91 -0.07 -10.71
N ILE A 50 -0.17 0.74 -11.46
CA ILE A 50 1.26 0.60 -11.55
C ILE A 50 1.97 1.86 -11.03
N LYS A 51 2.78 1.67 -10.00
CA LYS A 51 3.44 2.76 -9.30
C LYS A 51 4.95 2.54 -9.36
N GLY A 52 5.67 3.56 -9.77
CA GLY A 52 7.13 3.51 -9.74
C GLY A 52 7.57 3.57 -8.31
N LYS A 53 8.36 2.59 -7.87
CA LYS A 53 8.78 2.53 -6.47
C LYS A 53 9.65 3.72 -6.03
N GLU A 54 10.54 4.14 -6.90
CA GLU A 54 11.45 5.25 -6.65
C GLU A 54 10.74 6.59 -6.55
N THR A 55 10.00 6.96 -7.60
CA THR A 55 9.34 8.26 -7.66
C THR A 55 8.02 8.32 -6.89
N GLU A 56 7.38 7.17 -6.73
CA GLU A 56 6.03 7.03 -6.14
C GLU A 56 4.95 7.60 -7.03
N PHE A 57 5.26 7.75 -8.32
CA PHE A 57 4.30 8.25 -9.30
C PHE A 57 3.61 7.07 -9.95
N TYR A 58 2.30 7.21 -10.18
CA TYR A 58 1.53 6.18 -10.84
C TYR A 58 1.63 6.39 -12.32
N LEU A 59 1.71 5.28 -13.05
CA LEU A 59 1.59 5.29 -14.49
C LEU A 59 0.12 5.47 -14.87
N CYS A 60 -0.15 6.49 -15.68
CA CYS A 60 -1.50 6.83 -16.09
C CYS A 60 -1.55 7.20 -17.56
N MET A 61 -2.74 7.09 -18.16
CA MET A 61 -2.98 7.51 -19.54
C MET A 61 -4.03 8.59 -19.57
N ASN A 62 -3.66 9.77 -20.05
CA ASN A 62 -4.59 10.90 -20.08
C ASN A 62 -5.53 10.84 -21.31
N ARG A 63 -6.42 11.83 -21.42
CA ARG A 63 -7.44 11.89 -22.48
C ARG A 63 -6.86 11.96 -23.90
N LYS A 64 -5.67 12.52 -24.03
CA LYS A 64 -4.96 12.57 -25.30
C LYS A 64 -4.32 11.21 -25.60
N GLY A 65 -4.45 10.25 -24.69
CA GLY A 65 -3.82 8.95 -24.84
C GLY A 65 -2.33 8.92 -24.51
N LYS A 66 -1.82 9.98 -23.90
CA LYS A 66 -0.42 10.05 -23.54
C LYS A 66 -0.16 9.38 -22.20
N LEU A 67 0.88 8.55 -22.14
CA LEU A 67 1.32 7.98 -20.86
C LEU A 67 2.05 9.04 -20.07
N VAL A 68 1.71 9.13 -18.79
CA VAL A 68 2.23 10.19 -17.96
C VAL A 68 2.28 9.65 -16.53
N GLY A 69 3.28 10.08 -15.75
CA GLY A 69 3.37 9.73 -14.34
C GLY A 69 2.67 10.79 -13.53
N LYS A 70 1.94 10.36 -12.49
CA LYS A 70 1.22 11.29 -11.61
C LYS A 70 1.34 10.88 -10.15
N PRO A 71 1.49 11.86 -9.26
CA PRO A 71 1.55 11.51 -7.85
C PRO A 71 0.23 10.96 -7.33
N ASP A 72 -0.88 11.46 -7.85
CA ASP A 72 -2.19 11.03 -7.40
C ASP A 72 -2.69 9.93 -8.33
N GLY A 73 -2.94 8.75 -7.79
CA GLY A 73 -3.43 7.63 -8.56
C GLY A 73 -4.91 7.27 -8.34
N THR A 74 -5.70 8.20 -7.79
CA THR A 74 -7.15 8.04 -7.60
C THR A 74 -7.92 7.92 -8.90
N SER A 75 -7.40 8.56 -9.94
CA SER A 75 -8.09 8.61 -11.22
C SER A 75 -8.23 7.21 -11.85
N LYS A 76 -9.31 7.02 -12.60
CA LYS A 76 -9.47 5.81 -13.39
C LYS A 76 -8.49 5.76 -14.60
N GLU A 77 -7.97 6.91 -14.98
CA GLU A 77 -6.91 6.98 -15.96
C GLU A 77 -5.64 6.27 -15.49
N CYS A 78 -5.54 5.97 -14.20
CA CYS A 78 -4.37 5.30 -13.66
C CYS A 78 -4.60 3.81 -13.41
N VAL A 79 -5.66 3.26 -14.00
CA VAL A 79 -5.98 1.84 -13.88
C VAL A 79 -5.94 1.18 -15.27
N PHE A 80 -5.43 -0.04 -15.30
CA PHE A 80 -5.29 -0.79 -16.51
C PHE A 80 -5.87 -2.15 -16.32
N ILE A 81 -6.30 -2.73 -17.43
CA ILE A 81 -6.81 -4.07 -17.48
C ILE A 81 -5.64 -4.91 -17.97
N GLU A 82 -5.32 -5.95 -17.22
CA GLU A 82 -4.18 -6.79 -17.52
C GLU A 82 -4.62 -8.03 -18.26
N LYS A 83 -4.10 -8.23 -19.46
CA LYS A 83 -4.43 -9.39 -20.27
C LYS A 83 -3.17 -10.17 -20.60
N VAL A 84 -3.15 -11.45 -20.25
CA VAL A 84 -2.14 -12.35 -20.77
C VAL A 84 -2.60 -12.88 -22.11
N LEU A 85 -1.87 -12.53 -23.16
CA LEU A 85 -2.29 -12.84 -24.53
C LEU A 85 -2.00 -14.28 -24.88
N GLU A 86 -2.54 -14.75 -26.00
CA GLU A 86 -2.29 -16.12 -26.47
C GLU A 86 -0.81 -16.32 -26.76
N ASN A 87 -0.11 -15.25 -27.12
CA ASN A 87 1.31 -15.34 -27.42
C ASN A 87 2.23 -15.27 -26.21
N ASN A 88 1.64 -15.29 -25.03
CA ASN A 88 2.34 -15.27 -23.74
C ASN A 88 2.99 -13.97 -23.34
N TYR A 89 2.70 -12.89 -24.06
CA TYR A 89 3.06 -11.56 -23.57
C TYR A 89 1.87 -11.02 -22.81
N THR A 90 2.13 -9.99 -22.03
CA THR A 90 1.09 -9.34 -21.27
C THR A 90 0.84 -8.00 -21.91
N ALA A 91 -0.43 -7.62 -22.03
CA ALA A 91 -0.79 -6.26 -22.44
C ALA A 91 -1.53 -5.54 -21.34
N LEU A 92 -1.47 -4.20 -21.41
CA LEU A 92 -2.13 -3.33 -20.44
C LEU A 92 -3.04 -2.34 -21.15
N MET A 93 -4.34 -2.61 -21.12
CA MET A 93 -5.33 -1.74 -21.75
C MET A 93 -5.84 -0.75 -20.72
N SER A 94 -6.02 0.50 -21.13
CA SER A 94 -6.64 1.51 -20.25
C SER A 94 -8.02 1.05 -19.83
N ALA A 95 -8.28 1.13 -18.53
CA ALA A 95 -9.60 0.86 -17.98
C ALA A 95 -10.53 2.02 -18.23
N LYS A 96 -9.99 3.19 -18.51
CA LYS A 96 -10.81 4.38 -18.75
C LYS A 96 -11.15 4.48 -20.23
N TYR A 97 -10.20 4.11 -21.07
CA TYR A 97 -10.33 4.23 -22.51
C TYR A 97 -10.10 2.87 -23.17
N SER A 98 -11.15 2.07 -23.21
CA SER A 98 -11.09 0.75 -23.81
C SER A 98 -10.57 0.84 -25.24
N GLY A 99 -9.80 -0.16 -25.63
CA GLY A 99 -9.15 -0.17 -26.94
C GLY A 99 -7.81 0.55 -27.01
N TRP A 100 -7.42 1.27 -25.95
CA TRP A 100 -6.11 1.97 -25.87
C TRP A 100 -5.19 1.23 -24.93
N TYR A 101 -3.94 1.13 -25.34
CA TYR A 101 -2.96 0.28 -24.65
C TYR A 101 -1.68 1.03 -24.30
N VAL A 102 -1.04 0.58 -23.23
CA VAL A 102 0.32 0.99 -22.90
C VAL A 102 1.24 0.39 -23.95
N GLY A 103 2.05 1.24 -24.58
CA GLY A 103 2.98 0.79 -25.62
C GLY A 103 4.17 1.71 -25.84
N PHE A 104 5.19 1.19 -26.52
CA PHE A 104 6.42 1.94 -26.77
C PHE A 104 7.03 1.62 -28.12
N THR A 105 7.81 2.54 -28.65
CA THR A 105 8.56 2.33 -29.87
C THR A 105 9.83 1.54 -29.59
N LYS A 106 10.54 1.18 -30.65
CA LYS A 106 11.83 0.50 -30.50
C LYS A 106 12.86 1.36 -29.75
N LYS A 107 12.67 2.68 -29.72
CA LYS A 107 13.59 3.55 -28.97
C LYS A 107 13.11 3.85 -27.54
N GLY A 108 12.07 3.15 -27.09
CA GLY A 108 11.54 3.33 -25.75
C GLY A 108 10.63 4.53 -25.57
N ARG A 109 10.25 5.18 -26.66
CA ARG A 109 9.33 6.31 -26.57
C ARG A 109 7.90 5.79 -26.40
N PRO A 110 7.15 6.37 -25.45
CA PRO A 110 5.76 5.96 -25.27
C PRO A 110 4.84 6.36 -26.42
N ARG A 111 3.84 5.52 -26.67
CA ARG A 111 2.91 5.69 -27.79
C ARG A 111 1.57 6.23 -27.31
N LYS A 112 0.84 6.85 -28.24
CA LYS A 112 -0.50 7.41 -27.96
C LYS A 112 -1.52 6.30 -28.00
N GLY A 113 -2.30 6.20 -26.93
CA GLY A 113 -3.40 5.24 -26.83
C GLY A 113 -4.23 5.04 -28.09
N PRO A 114 -4.81 6.11 -28.63
CA PRO A 114 -5.66 5.99 -29.81
C PRO A 114 -4.99 5.27 -30.97
N LYS A 115 -3.68 5.41 -31.09
CA LYS A 115 -2.97 4.82 -32.22
C LYS A 115 -2.46 3.42 -31.95
N THR A 116 -2.92 2.81 -30.86
CA THR A 116 -2.52 1.44 -30.50
C THR A 116 -3.63 0.44 -30.70
N ARG A 117 -3.23 -0.83 -30.67
CA ARG A 117 -4.17 -1.96 -30.64
C ARG A 117 -3.45 -3.19 -30.10
N GLU A 118 -4.24 -4.15 -29.62
CA GLU A 118 -3.76 -5.29 -28.86
C GLU A 118 -2.74 -6.14 -29.60
N ASN A 119 -2.87 -6.26 -30.92
CA ASN A 119 -1.97 -7.13 -31.68
C ASN A 119 -0.62 -6.49 -32.03
N GLN A 120 -0.43 -5.22 -31.71
CA GLN A 120 0.87 -4.57 -31.93
C GLN A 120 1.90 -5.02 -30.92
N GLN A 121 3.09 -5.32 -31.44
CA GLN A 121 4.21 -5.70 -30.59
C GLN A 121 4.53 -4.61 -29.60
N ASP A 122 4.37 -3.36 -30.03
CA ASP A 122 4.60 -2.20 -29.18
C ASP A 122 3.92 -2.32 -27.83
N VAL A 123 2.82 -3.05 -27.74
CA VAL A 123 2.03 -3.09 -26.51
C VAL A 123 2.24 -4.37 -25.73
N HIS A 124 3.25 -5.15 -26.11
CA HIS A 124 3.51 -6.43 -25.46
C HIS A 124 4.64 -6.34 -24.46
N PHE A 125 4.46 -7.03 -23.35
CA PHE A 125 5.41 -7.00 -22.27
C PHE A 125 5.63 -8.38 -21.65
N MET A 126 6.83 -8.57 -21.10
CA MET A 126 7.10 -9.68 -20.19
C MET A 126 7.34 -9.12 -18.78
N LYS A 127 6.85 -9.82 -17.77
CA LYS A 127 7.12 -9.48 -16.39
C LYS A 127 8.46 -10.01 -15.94
N ARG A 128 9.14 -9.28 -15.06
CA ARG A 128 10.50 -9.65 -14.64
C ARG A 128 10.83 -9.39 -13.17
N TYR A 129 11.37 -10.38 -12.47
CA TYR A 129 11.59 -10.25 -11.02
C TYR A 129 13.07 -10.01 -10.73
N PRO A 130 13.47 -8.74 -10.53
CA PRO A 130 14.88 -8.30 -10.62
C PRO A 130 15.86 -9.14 -9.80
N GLN B 2 1.65 8.32 1.52
CA GLN B 2 3.11 8.43 1.75
C GLN B 2 3.75 9.65 1.08
N LEU B 3 3.14 10.07 -0.04
CA LEU B 3 3.54 11.26 -0.79
C LEU B 3 2.49 12.39 -0.62
N ARG B 4 2.93 13.57 -0.17
CA ARG B 4 2.02 14.71 0.12
C ARG B 4 2.47 15.91 -0.63
N LEU B 5 1.52 16.77 -0.97
CA LEU B 5 1.78 17.99 -1.72
C LEU B 5 1.54 19.19 -0.83
N TYR B 6 2.52 20.09 -0.73
CA TYR B 6 2.29 21.34 -0.01
C TYR B 6 3.40 22.36 -0.22
N GLN B 7 3.27 23.50 0.47
CA GLN B 7 4.25 24.58 0.43
C GLN B 7 4.87 24.77 1.79
N LEU B 8 6.11 25.26 1.80
CA LEU B 8 6.83 25.55 3.05
C LEU B 8 7.07 27.06 3.17
N TYR B 9 6.39 27.67 4.14
CA TYR B 9 6.49 29.10 4.43
C TYR B 9 7.67 29.33 5.36
N SER B 10 8.58 30.19 4.95
CA SER B 10 9.75 30.53 5.73
C SER B 10 9.42 31.58 6.79
N ARG B 11 9.63 31.25 8.05
CA ARG B 11 9.45 32.20 9.13
C ARG B 11 10.17 33.54 8.90
N THR B 12 11.40 33.47 8.40
CA THR B 12 12.23 34.65 8.23
C THR B 12 11.94 35.36 6.92
N SER B 13 11.76 34.62 5.85
CA SER B 13 11.63 35.24 4.53
C SER B 13 10.22 35.71 4.25
N GLY B 14 9.22 35.14 4.93
CA GLY B 14 7.82 35.49 4.71
C GLY B 14 7.22 34.96 3.43
N LYS B 15 7.99 34.21 2.65
CA LYS B 15 7.53 33.65 1.39
C LYS B 15 7.81 32.16 1.43
N HIS B 16 7.51 31.47 0.34
CA HIS B 16 7.65 30.04 0.29
C HIS B 16 8.90 29.57 -0.44
N ILE B 17 9.35 28.39 -0.03
CA ILE B 17 10.48 27.72 -0.64
C ILE B 17 10.15 27.39 -2.09
N GLN B 18 11.11 27.69 -2.97
CA GLN B 18 11.03 27.42 -4.38
C GLN B 18 12.16 26.50 -4.79
N VAL B 19 11.83 25.45 -5.53
CA VAL B 19 12.82 24.66 -6.25
C VAL B 19 12.76 25.14 -7.71
N LEU B 20 13.68 26.05 -8.02
CA LEU B 20 13.75 26.68 -9.33
C LEU B 20 14.52 25.84 -10.33
N GLY B 21 15.08 24.73 -9.88
CA GLY B 21 15.97 23.92 -10.69
C GLY B 21 17.16 23.63 -9.81
N ARG B 22 18.36 23.84 -10.33
CA ARG B 22 19.53 23.74 -9.49
C ARG B 22 19.49 24.76 -8.32
N ARG B 23 18.97 25.95 -8.58
CA ARG B 23 18.92 27.01 -7.59
C ARG B 23 17.74 26.80 -6.63
N ILE B 24 17.98 27.07 -5.36
CA ILE B 24 16.95 27.01 -4.31
C ILE B 24 16.77 28.39 -3.70
N SER B 25 15.54 28.72 -3.37
CA SER B 25 15.24 30.04 -2.84
C SER B 25 13.94 30.01 -2.05
N ALA B 26 13.65 31.07 -1.29
CA ALA B 26 12.39 31.15 -0.54
C ALA B 26 11.73 32.49 -0.79
N ARG B 27 11.43 32.76 -2.06
CA ARG B 27 10.79 34.01 -2.46
C ARG B 27 9.47 33.75 -3.16
N GLY B 28 8.89 32.58 -2.94
CA GLY B 28 7.69 32.18 -3.66
C GLY B 28 6.42 32.75 -3.04
N GLU B 29 5.62 33.42 -3.87
CA GLU B 29 4.28 33.80 -3.45
C GLU B 29 3.45 32.53 -3.30
N ASP B 30 2.34 32.63 -2.58
CA ASP B 30 1.47 31.50 -2.41
C ASP B 30 1.01 31.07 -3.78
N GLY B 31 1.14 29.78 -4.08
CA GLY B 31 0.70 29.25 -5.36
C GLY B 31 1.73 29.30 -6.48
N ASP B 32 2.88 29.92 -6.24
CA ASP B 32 3.98 29.92 -7.19
C ASP B 32 4.21 28.48 -7.61
N LYS B 33 4.34 28.26 -8.91
CA LYS B 33 4.46 26.87 -9.41
C LYS B 33 5.71 26.16 -8.86
N TYR B 34 6.81 26.90 -8.71
CA TYR B 34 8.05 26.35 -8.18
C TYR B 34 8.03 26.15 -6.66
N ALA B 35 6.96 26.56 -5.99
CA ALA B 35 6.83 26.38 -4.55
C ALA B 35 5.98 25.16 -4.18
N GLN B 36 5.41 24.49 -5.18
CA GLN B 36 4.64 23.29 -4.93
C GLN B 36 5.61 22.15 -4.71
N LEU B 37 5.57 21.56 -3.52
CA LEU B 37 6.54 20.52 -3.14
C LEU B 37 5.88 19.18 -2.93
N LEU B 38 6.37 18.17 -3.62
CA LEU B 38 5.97 16.79 -3.34
C LEU B 38 6.93 16.27 -2.27
N VAL B 39 6.36 15.87 -1.13
CA VAL B 39 7.14 15.45 0.00
C VAL B 39 6.86 14.00 0.31
N GLU B 40 7.94 13.22 0.38
CA GLU B 40 7.86 11.79 0.57
C GLU B 40 8.25 11.53 2.00
N THR B 41 7.41 10.82 2.74
CA THR B 41 7.69 10.59 4.13
C THR B 41 7.86 9.10 4.31
N ASP B 42 9.01 8.65 4.83
CA ASP B 42 9.23 7.19 4.96
C ASP B 42 8.21 6.58 5.95
N THR B 43 8.16 5.25 5.98
CA THR B 43 7.18 4.54 6.79
C THR B 43 7.31 4.79 8.33
N PHE B 44 8.50 5.19 8.80
CA PHE B 44 8.66 5.54 10.22
C PHE B 44 8.13 6.88 10.59
N GLY B 45 8.14 7.80 9.63
CA GLY B 45 7.53 9.09 9.78
C GLY B 45 8.46 10.19 10.23
N SER B 46 9.78 10.00 10.13
CA SER B 46 10.73 11.03 10.61
C SER B 46 11.62 11.64 9.48
N GLN B 47 11.91 10.86 8.44
CA GLN B 47 12.71 11.35 7.31
C GLN B 47 11.84 11.71 6.11
N VAL B 48 12.31 12.68 5.34
CA VAL B 48 11.58 13.19 4.21
C VAL B 48 12.48 13.47 3.03
N ARG B 49 11.91 13.33 1.84
CA ARG B 49 12.53 13.83 0.63
C ARG B 49 11.61 14.89 0.08
N ILE B 50 12.18 16.00 -0.36
CA ILE B 50 11.41 17.10 -0.88
C ILE B 50 11.72 17.33 -2.35
N LYS B 51 10.70 17.21 -3.19
CA LYS B 51 10.81 17.34 -4.64
C LYS B 51 9.94 18.49 -5.13
N GLY B 52 10.51 19.39 -5.92
CA GLY B 52 9.73 20.43 -6.56
C GLY B 52 8.87 19.80 -7.63
N LYS B 53 7.56 20.02 -7.56
CA LYS B 53 6.65 19.39 -8.51
C LYS B 53 6.90 19.81 -9.95
N GLU B 54 7.19 21.09 -10.15
CA GLU B 54 7.40 21.67 -11.48
C GLU B 54 8.66 21.16 -12.14
N THR B 55 9.80 21.34 -11.46
CA THR B 55 11.09 20.99 -12.03
C THR B 55 11.42 19.51 -11.90
N GLU B 56 10.80 18.86 -10.92
CA GLU B 56 11.10 17.46 -10.56
C GLU B 56 12.50 17.29 -9.94
N PHE B 57 13.06 18.39 -9.44
CA PHE B 57 14.36 18.35 -8.78
C PHE B 57 14.16 18.20 -7.28
N TYR B 58 15.02 17.39 -6.66
CA TYR B 58 14.98 17.20 -5.21
C TYR B 58 15.79 18.29 -4.53
N LEU B 59 15.29 18.76 -3.40
CA LEU B 59 16.03 19.65 -2.53
C LEU B 59 17.07 18.83 -1.79
N CYS B 60 18.33 19.24 -1.90
CA CYS B 60 19.43 18.55 -1.27
C CYS B 60 20.43 19.54 -0.67
N MET B 61 21.23 19.05 0.28
CA MET B 61 22.29 19.84 0.89
C MET B 61 23.63 19.16 0.65
N ASN B 62 24.53 19.84 -0.06
CA ASN B 62 25.83 19.27 -0.38
C ASN B 62 26.83 19.39 0.78
N ARG B 63 28.05 18.91 0.57
CA ARG B 63 29.10 18.89 1.61
C ARG B 63 29.52 20.26 2.11
N LYS B 64 29.40 21.25 1.23
CA LYS B 64 29.65 22.64 1.62
C LYS B 64 28.46 23.22 2.40
N GLY B 65 27.41 22.45 2.60
CA GLY B 65 26.24 22.91 3.31
C GLY B 65 25.33 23.78 2.48
N LYS B 66 25.56 23.83 1.18
CA LYS B 66 24.74 24.61 0.28
C LYS B 66 23.48 23.84 -0.12
N LEU B 67 22.34 24.50 -0.07
CA LEU B 67 21.12 23.93 -0.61
C LEU B 67 21.16 24.00 -2.11
N VAL B 68 20.82 22.89 -2.76
CA VAL B 68 20.84 22.79 -4.21
C VAL B 68 19.73 21.87 -4.64
N GLY B 69 19.22 22.10 -5.85
CA GLY B 69 18.27 21.15 -6.46
C GLY B 69 19.00 20.16 -7.33
N LYS B 70 18.58 18.89 -7.28
CA LYS B 70 19.18 17.84 -8.10
C LYS B 70 18.13 16.89 -8.70
N PRO B 71 18.33 16.47 -9.95
CA PRO B 71 17.38 15.55 -10.56
C PRO B 71 17.39 14.17 -9.90
N ASP B 72 18.55 13.72 -9.45
CA ASP B 72 18.68 12.43 -8.79
C ASP B 72 18.60 12.61 -7.27
N GLY B 73 17.61 11.98 -6.66
CA GLY B 73 17.40 12.09 -5.23
C GLY B 73 17.75 10.85 -4.47
N THR B 74 18.55 9.95 -5.05
CA THR B 74 18.98 8.77 -4.29
C THR B 74 20.04 9.04 -3.23
N SER B 75 20.74 10.17 -3.31
CA SER B 75 21.73 10.55 -2.29
C SER B 75 21.11 10.76 -0.91
N LYS B 76 21.87 10.48 0.13
CA LYS B 76 21.45 10.80 1.50
C LYS B 76 21.50 12.31 1.79
N GLU B 77 22.25 13.03 0.97
CA GLU B 77 22.22 14.49 0.99
C GLU B 77 20.83 15.06 0.62
N CYS B 78 19.96 14.25 0.06
CA CYS B 78 18.63 14.70 -0.31
C CYS B 78 17.55 14.26 0.69
N VAL B 79 17.97 13.83 1.88
CA VAL B 79 17.05 13.42 2.93
C VAL B 79 17.18 14.35 4.12
N PHE B 80 16.04 14.65 4.73
CA PHE B 80 16.00 15.51 5.88
C PHE B 80 15.18 14.89 6.97
N ILE B 81 15.49 15.29 8.20
CA ILE B 81 14.77 14.84 9.35
C ILE B 81 13.84 15.95 9.70
N GLU B 82 12.58 15.59 9.84
CA GLU B 82 11.55 16.57 10.06
C GLU B 82 11.23 16.64 11.54
N LYS B 83 11.40 17.82 12.13
CA LYS B 83 11.11 18.03 13.54
C LYS B 83 10.08 19.14 13.72
N VAL B 84 8.99 18.82 14.40
CA VAL B 84 8.06 19.83 14.82
C VAL B 84 8.54 20.35 16.17
N LEU B 85 8.92 21.62 16.20
CA LEU B 85 9.56 22.19 17.37
C LEU B 85 8.53 22.54 18.44
N GLU B 86 9.00 22.88 19.64
CA GLU B 86 8.09 23.28 20.73
C GLU B 86 7.32 24.54 20.38
N ASN B 87 7.90 25.38 19.53
CA ASN B 87 7.27 26.62 19.11
C ASN B 87 6.29 26.48 17.94
N ASN B 88 6.03 25.25 17.54
CA ASN B 88 5.09 24.89 16.48
C ASN B 88 5.51 25.18 15.06
N TYR B 89 6.78 25.53 14.87
CA TYR B 89 7.32 25.58 13.53
C TYR B 89 7.94 24.24 13.26
N THR B 90 8.19 23.97 11.98
CA THR B 90 8.84 22.76 11.58
C THR B 90 10.25 23.12 11.14
N ALA B 91 11.23 22.29 11.53
CA ALA B 91 12.57 22.41 11.00
C ALA B 91 12.93 21.18 10.18
N LEU B 92 13.89 21.37 9.30
CA LEU B 92 14.40 20.28 8.44
C LEU B 92 15.94 20.16 8.60
N MET B 93 16.37 19.16 9.35
CA MET B 93 17.81 18.92 9.56
C MET B 93 18.30 17.93 8.52
N SER B 94 19.50 18.16 7.99
CA SER B 94 20.11 17.20 7.08
C SER B 94 20.29 15.86 7.76
N ALA B 95 19.87 14.81 7.08
CA ALA B 95 20.09 13.44 7.55
C ALA B 95 21.53 12.99 7.32
N LYS B 96 22.23 13.67 6.42
CA LYS B 96 23.61 13.34 6.13
C LYS B 96 24.55 14.08 7.06
N TYR B 97 24.19 15.32 7.37
CA TYR B 97 25.03 16.22 8.17
C TYR B 97 24.23 16.73 9.37
N SER B 98 24.20 15.91 10.41
CA SER B 98 23.47 16.24 11.63
C SER B 98 23.94 17.58 12.15
N GLY B 99 23.03 18.35 12.71
CA GLY B 99 23.32 19.70 13.18
C GLY B 99 23.20 20.78 12.11
N TRP B 100 23.03 20.42 10.84
CA TRP B 100 22.84 21.39 9.73
C TRP B 100 21.38 21.39 9.30
N TYR B 101 20.86 22.59 9.05
CA TYR B 101 19.44 22.78 8.77
C TYR B 101 19.16 23.54 7.49
N VAL B 102 18.01 23.26 6.89
CA VAL B 102 17.48 24.04 5.80
C VAL B 102 17.05 25.39 6.38
N GLY B 103 17.56 26.47 5.79
CA GLY B 103 17.27 27.82 6.26
C GLY B 103 17.44 28.91 5.23
N PHE B 104 16.88 30.09 5.52
CA PHE B 104 16.91 31.22 4.59
C PHE B 104 17.01 32.54 5.30
N THR B 105 17.56 33.54 4.61
CA THR B 105 17.61 34.91 5.11
C THR B 105 16.27 35.60 4.89
N LYS B 106 16.14 36.81 5.44
CA LYS B 106 14.92 37.60 5.22
C LYS B 106 14.67 37.90 3.76
N LYS B 107 15.70 37.86 2.92
CA LYS B 107 15.54 38.08 1.49
C LYS B 107 15.33 36.80 0.68
N GLY B 108 15.12 35.69 1.37
CA GLY B 108 14.88 34.40 0.73
C GLY B 108 16.13 33.70 0.21
N ARG B 109 17.32 34.20 0.56
CA ARG B 109 18.56 33.56 0.16
C ARG B 109 18.83 32.36 1.06
N PRO B 110 19.20 31.22 0.46
CA PRO B 110 19.48 30.01 1.26
C PRO B 110 20.78 30.14 2.05
N ARG B 111 20.79 29.51 3.22
CA ARG B 111 21.89 29.60 4.17
C ARG B 111 22.74 28.34 4.12
N LYS B 112 24.00 28.48 4.56
CA LYS B 112 24.95 27.36 4.64
C LYS B 112 24.69 26.52 5.89
N GLY B 113 24.49 25.22 5.70
CA GLY B 113 24.28 24.28 6.80
C GLY B 113 25.14 24.49 8.04
N PRO B 114 26.48 24.53 7.87
CA PRO B 114 27.37 24.68 9.01
C PRO B 114 27.06 25.88 9.86
N LYS B 115 26.55 26.93 9.24
CA LYS B 115 26.29 28.17 9.96
C LYS B 115 24.88 28.25 10.53
N THR B 116 24.15 27.13 10.55
CA THR B 116 22.81 27.08 11.10
C THR B 116 22.73 26.33 12.41
N ARG B 117 21.60 26.50 13.09
CA ARG B 117 21.26 25.73 14.27
C ARG B 117 19.74 25.81 14.50
N GLU B 118 19.21 24.86 15.25
CA GLU B 118 17.79 24.60 15.36
C GLU B 118 17.00 25.80 15.88
N ASN B 119 17.58 26.57 16.78
CA ASN B 119 16.85 27.66 17.40
C ASN B 119 16.81 28.94 16.56
N GLN B 120 17.50 28.96 15.42
CA GLN B 120 17.43 30.12 14.52
C GLN B 120 16.10 30.18 13.80
N GLN B 121 15.52 31.36 13.75
CA GLN B 121 14.29 31.60 13.01
C GLN B 121 14.46 31.26 11.55
N ASP B 122 15.66 31.50 11.02
CA ASP B 122 15.99 31.20 9.63
C ASP B 122 15.63 29.78 9.25
N VAL B 123 15.61 28.86 10.21
CA VAL B 123 15.39 27.44 9.90
C VAL B 123 13.97 26.98 10.25
N HIS B 124 13.08 27.93 10.52
CA HIS B 124 11.70 27.60 10.90
C HIS B 124 10.72 27.76 9.75
N PHE B 125 9.78 26.82 9.66
CA PHE B 125 8.83 26.80 8.58
C PHE B 125 7.45 26.42 9.04
N MET B 126 6.44 26.90 8.32
CA MET B 126 5.07 26.41 8.43
C MET B 126 4.68 25.69 7.15
N LYS B 127 3.94 24.59 7.29
CA LYS B 127 3.41 23.89 6.13
C LYS B 127 2.14 24.52 5.63
N ARG B 128 1.93 24.49 4.33
CA ARG B 128 0.79 25.16 3.73
C ARG B 128 0.16 24.26 2.66
N TYR B 129 -1.01 23.67 2.97
CA TYR B 129 -1.72 22.69 2.12
C TYR B 129 -2.67 23.34 1.15
N GLN C 2 18.61 3.21 10.12
CA GLN C 2 19.67 2.15 10.26
C GLN C 2 19.09 0.76 10.63
N LEU C 3 19.67 -0.27 10.01
CA LEU C 3 19.27 -1.67 10.21
C LEU C 3 20.31 -2.39 11.06
N ARG C 4 19.86 -3.15 12.05
CA ARG C 4 20.77 -3.90 12.93
C ARG C 4 20.26 -5.32 13.15
N LEU C 5 21.19 -6.23 13.37
CA LEU C 5 20.87 -7.62 13.65
C LEU C 5 21.21 -7.93 15.11
N TYR C 6 20.26 -8.46 15.86
CA TYR C 6 20.55 -8.93 17.21
C TYR C 6 19.45 -9.78 17.81
N GLN C 7 19.65 -10.19 19.08
CA GLN C 7 18.70 -10.98 19.83
C GLN C 7 18.20 -10.20 21.04
N LEU C 8 16.99 -10.50 21.47
CA LEU C 8 16.41 -9.86 22.64
C LEU C 8 16.21 -10.88 23.76
N TYR C 9 16.97 -10.71 24.83
CA TYR C 9 16.92 -11.58 26.00
C TYR C 9 15.83 -11.08 26.92
N SER C 10 14.89 -11.96 27.27
CA SER C 10 13.82 -11.64 28.20
C SER C 10 14.29 -11.75 29.65
N ARG C 11 14.18 -10.65 30.40
CA ARG C 11 14.48 -10.67 31.82
C ARG C 11 13.77 -11.79 32.59
N THR C 12 12.50 -12.03 32.30
CA THR C 12 11.74 -13.02 33.07
C THR C 12 11.88 -14.40 32.51
N SER C 13 11.93 -14.54 31.19
CA SER C 13 11.95 -15.88 30.59
C SER C 13 13.35 -16.49 30.60
N GLY C 14 14.39 -15.66 30.66
CA GLY C 14 15.77 -16.13 30.59
C GLY C 14 16.23 -16.62 29.22
N LYS C 15 15.38 -16.53 28.21
CA LYS C 15 15.70 -16.97 26.86
C LYS C 15 15.40 -15.81 25.93
N HIS C 16 15.59 -16.05 24.64
CA HIS C 16 15.40 -14.99 23.64
C HIS C 16 14.10 -15.05 22.89
N ILE C 17 13.65 -13.88 22.46
CA ILE C 17 12.47 -13.73 21.65
C ILE C 17 12.65 -14.47 20.33
N GLN C 18 11.62 -15.22 19.96
CA GLN C 18 11.57 -15.95 18.72
C GLN C 18 10.37 -15.48 17.88
N VAL C 19 10.62 -15.19 16.61
CA VAL C 19 9.55 -15.04 15.62
C VAL C 19 9.47 -16.36 14.86
N LEU C 20 8.53 -17.20 15.30
CA LEU C 20 8.35 -18.54 14.77
C LEU C 20 7.46 -18.55 13.54
N GLY C 21 6.93 -17.39 13.17
CA GLY C 21 5.96 -17.27 12.10
C GLY C 21 4.86 -16.40 12.65
N ARG C 22 3.63 -16.85 12.52
CA ARG C 22 2.55 -16.16 13.17
C ARG C 22 2.73 -16.14 14.70
N ARG C 23 3.24 -17.23 15.25
CA ARG C 23 3.40 -17.36 16.68
C ARG C 23 4.66 -16.63 17.16
N ILE C 24 4.55 -15.98 18.32
CA ILE C 24 5.67 -15.30 18.96
C ILE C 24 5.93 -15.94 20.32
N SER C 25 7.19 -16.04 20.70
CA SER C 25 7.55 -16.68 21.96
C SER C 25 8.92 -16.19 22.41
N ALA C 26 9.30 -16.49 23.65
CA ALA C 26 10.65 -16.13 24.16
C ALA C 26 11.32 -17.33 24.81
N ARG C 27 11.50 -18.40 24.03
CA ARG C 27 12.11 -19.63 24.51
C ARG C 27 13.35 -19.97 23.70
N GLY C 28 13.92 -18.98 23.04
CA GLY C 28 15.05 -19.21 22.14
C GLY C 28 16.37 -19.29 22.86
N GLU C 29 17.11 -20.36 22.65
CA GLU C 29 18.48 -20.45 23.10
C GLU C 29 19.31 -19.44 22.31
N ASP C 30 20.48 -19.09 22.81
CA ASP C 30 21.34 -18.16 22.11
C ASP C 30 21.67 -18.76 20.76
N GLY C 31 21.48 -17.99 19.70
CA GLY C 31 21.79 -18.45 18.35
C GLY C 31 20.66 -19.16 17.62
N ASP C 32 19.55 -19.41 18.32
CA ASP C 32 18.36 -20.00 17.69
C ASP C 32 18.07 -19.20 16.45
N LYS C 33 17.82 -19.88 15.33
CA LYS C 33 17.63 -19.18 14.06
C LYS C 33 16.40 -18.25 14.09
N TYR C 34 15.34 -18.64 14.79
CA TYR C 34 14.14 -17.81 14.93
C TYR C 34 14.30 -16.65 15.90
N ALA C 35 15.44 -16.57 16.59
CA ALA C 35 15.70 -15.49 17.54
C ALA C 35 16.54 -14.37 16.92
N GLN C 36 17.01 -14.56 15.70
CA GLN C 36 17.79 -13.55 15.03
C GLN C 36 16.83 -12.52 14.49
N LEU C 37 16.96 -11.29 14.99
CA LEU C 37 16.04 -10.23 14.66
C LEU C 37 16.71 -9.13 13.85
N LEU C 38 16.14 -8.82 12.70
CA LEU C 38 16.53 -7.62 11.96
C LEU C 38 15.68 -6.46 12.50
N VAL C 39 16.35 -5.45 13.03
CA VAL C 39 15.68 -4.34 13.68
C VAL C 39 15.97 -3.07 12.92
N GLU C 40 14.90 -2.37 12.56
CA GLU C 40 15.01 -1.16 11.81
C GLU C 40 14.78 -0.05 12.81
N THR C 41 15.72 0.89 12.87
CA THR C 41 15.64 1.96 13.86
C THR C 41 15.57 3.31 13.20
N ASP C 42 14.57 4.05 13.64
CA ASP C 42 14.53 5.46 13.54
C ASP C 42 15.35 6.04 14.69
N THR C 43 16.62 6.28 14.42
CA THR C 43 17.54 6.83 15.44
C THR C 43 17.12 8.21 15.93
N PHE C 44 16.36 8.94 15.13
CA PHE C 44 15.93 10.29 15.46
C PHE C 44 14.72 10.30 16.43
N GLY C 45 13.83 9.31 16.34
CA GLY C 45 12.57 9.31 17.14
C GLY C 45 12.27 8.11 18.04
N SER C 46 13.26 7.24 18.25
CA SER C 46 13.14 6.02 19.10
C SER C 46 12.13 4.96 18.73
N GLN C 47 11.77 4.89 17.46
CA GLN C 47 10.89 3.83 17.01
C GLN C 47 11.69 2.71 16.36
N VAL C 48 11.13 1.50 16.43
CA VAL C 48 11.72 0.33 15.81
C VAL C 48 10.68 -0.58 15.16
N ARG C 49 11.11 -1.27 14.10
CA ARG C 49 10.38 -2.42 13.58
C ARG C 49 11.26 -3.62 13.76
N ILE C 50 10.64 -4.72 14.17
CA ILE C 50 11.38 -5.93 14.47
C ILE C 50 10.92 -7.07 13.56
N LYS C 51 11.86 -7.60 12.78
CA LYS C 51 11.59 -8.63 11.78
C LYS C 51 12.42 -9.85 12.10
N GLY C 52 11.77 -11.02 12.16
CA GLY C 52 12.51 -12.27 12.31
C GLY C 52 13.25 -12.55 11.02
N LYS C 53 14.57 -12.72 11.10
CA LYS C 53 15.37 -12.93 9.91
C LYS C 53 14.99 -14.19 9.15
N GLU C 54 14.72 -15.26 9.89
CA GLU C 54 14.39 -16.55 9.32
C GLU C 54 13.04 -16.56 8.60
N THR C 55 11.99 -16.17 9.30
CA THR C 55 10.64 -16.22 8.76
C THR C 55 10.28 -15.01 7.90
N GLU C 56 10.97 -13.89 8.14
CA GLU C 56 10.69 -12.61 7.49
C GLU C 56 9.38 -11.98 7.94
N PHE C 57 8.88 -12.44 9.09
CA PHE C 57 7.66 -11.91 9.67
C PHE C 57 8.02 -10.81 10.64
N TYR C 58 7.21 -9.75 10.65
CA TYR C 58 7.39 -8.67 11.60
C TYR C 58 6.66 -8.97 12.90
N LEU C 59 7.28 -8.59 14.02
CA LEU C 59 6.66 -8.66 15.32
C LEU C 59 5.68 -7.50 15.42
N CYS C 60 4.43 -7.82 15.74
CA CYS C 60 3.38 -6.83 15.83
C CYS C 60 2.45 -7.12 17.01
N MET C 61 1.73 -6.09 17.45
CA MET C 61 0.73 -6.22 18.51
C MET C 61 -0.63 -5.78 17.98
N ASN C 62 -1.58 -6.70 17.96
CA ASN C 62 -2.90 -6.42 17.44
C ASN C 62 -3.78 -5.70 18.47
N ARG C 63 -5.02 -5.39 18.09
CA ARG C 63 -5.96 -4.63 18.92
C ARG C 63 -6.32 -5.32 20.23
N LYS C 64 -6.26 -6.65 20.23
CA LYS C 64 -6.47 -7.43 21.44
C LYS C 64 -5.21 -7.42 22.33
N GLY C 65 -4.15 -6.76 21.88
CA GLY C 65 -2.91 -6.73 22.62
C GLY C 65 -2.07 -7.99 22.51
N LYS C 66 -2.44 -8.89 21.58
CA LYS C 66 -1.70 -10.13 21.34
C LYS C 66 -0.49 -9.87 20.45
N LEU C 67 0.66 -10.38 20.85
CA LEU C 67 1.83 -10.37 19.99
C LEU C 67 1.68 -11.41 18.92
N VAL C 68 1.94 -11.02 17.68
CA VAL C 68 1.75 -11.90 16.55
C VAL C 68 2.79 -11.54 15.50
N GLY C 69 3.18 -12.52 14.71
CA GLY C 69 4.05 -12.27 13.58
C GLY C 69 3.23 -12.07 12.33
N LYS C 70 3.64 -11.12 11.49
CA LYS C 70 2.92 -10.83 10.23
C LYS C 70 3.88 -10.59 9.09
N PRO C 71 3.54 -11.07 7.89
CA PRO C 71 4.41 -10.83 6.75
C PRO C 71 4.44 -9.37 6.33
N ASP C 72 3.32 -8.66 6.48
CA ASP C 72 3.26 -7.26 6.13
C ASP C 72 3.50 -6.39 7.36
N GLY C 73 4.53 -5.56 7.32
CA GLY C 73 4.91 -4.72 8.45
C GLY C 73 4.63 -3.25 8.22
N THR C 74 3.78 -2.91 7.26
CA THR C 74 3.43 -1.49 7.07
C THR C 74 2.52 -0.93 8.16
N SER C 75 1.83 -1.80 8.90
CA SER C 75 0.94 -1.35 9.96
C SER C 75 1.71 -0.65 11.09
N LYS C 76 1.05 0.30 11.74
CA LYS C 76 1.56 0.96 12.95
C LYS C 76 1.61 -0.03 14.12
N GLU C 77 0.79 -1.07 14.04
CA GLU C 77 0.81 -2.14 15.04
C GLU C 77 2.15 -2.87 15.05
N CYS C 78 2.96 -2.67 14.02
CA CYS C 78 4.25 -3.35 13.94
C CYS C 78 5.42 -2.44 14.31
N VAL C 79 5.14 -1.32 14.96
CA VAL C 79 6.15 -0.38 15.38
C VAL C 79 6.13 -0.27 16.89
N PHE C 80 7.32 -0.15 17.47
CA PHE C 80 7.46 -0.03 18.89
C PHE C 80 8.34 1.14 19.22
N ILE C 81 8.12 1.70 20.40
CA ILE C 81 8.89 2.78 20.94
C ILE C 81 9.89 2.10 21.86
N GLU C 82 11.17 2.38 21.64
CA GLU C 82 12.23 1.73 22.38
C GLU C 82 12.68 2.63 23.50
N LYS C 83 12.54 2.18 24.73
CA LYS C 83 12.95 2.96 25.87
C LYS C 83 13.99 2.20 26.70
N VAL C 84 15.13 2.85 26.92
CA VAL C 84 16.11 2.34 27.84
C VAL C 84 15.77 2.84 29.24
N LEU C 85 15.42 1.92 30.12
CA LEU C 85 14.91 2.28 31.44
C LEU C 85 16.03 2.67 32.39
N GLU C 86 15.68 3.21 33.55
CA GLU C 86 16.66 3.59 34.56
C GLU C 86 17.41 2.37 35.07
N ASN C 87 16.77 1.20 35.03
CA ASN C 87 17.41 -0.04 35.46
C ASN C 87 18.27 -0.74 34.39
N ASN C 88 18.46 -0.08 33.24
CA ASN C 88 19.31 -0.52 32.14
C ASN C 88 18.77 -1.66 31.30
N TYR C 89 17.51 -2.02 31.50
CA TYR C 89 16.85 -2.91 30.57
C TYR C 89 16.16 -2.03 29.54
N THR C 90 15.80 -2.66 28.42
CA THR C 90 15.09 -1.94 27.37
C THR C 90 13.67 -2.46 27.37
N ALA C 91 12.72 -1.56 27.24
CA ALA C 91 11.33 -1.94 27.01
C ALA C 91 10.90 -1.52 25.62
N LEU C 92 9.87 -2.22 25.14
CA LEU C 92 9.29 -1.96 23.84
C LEU C 92 7.78 -1.70 23.97
N MET C 93 7.41 -0.43 23.92
CA MET C 93 5.99 -0.03 24.01
C MET C 93 5.39 0.08 22.62
N SER C 94 4.16 -0.39 22.47
CA SER C 94 3.47 -0.25 21.19
C SER C 94 3.34 1.22 20.83
N ALA C 95 3.69 1.53 19.59
CA ALA C 95 3.54 2.88 19.05
C ALA C 95 2.09 3.14 18.69
N LYS C 96 1.32 2.08 18.53
CA LYS C 96 -0.09 2.22 18.20
C LYS C 96 -0.92 2.33 19.46
N TYR C 97 -0.54 1.57 20.48
CA TYR C 97 -1.28 1.48 21.70
C TYR C 97 -0.41 1.84 22.88
N SER C 98 -0.29 3.13 23.14
CA SER C 98 0.51 3.65 24.22
C SER C 98 0.10 2.97 25.52
N GLY C 99 1.08 2.73 26.38
CA GLY C 99 0.84 2.03 27.63
C GLY C 99 0.88 0.51 27.55
N TRP C 100 0.94 -0.06 26.34
CA TRP C 100 1.04 -1.51 26.15
C TRP C 100 2.44 -1.88 25.73
N TYR C 101 2.95 -2.98 26.29
CA TYR C 101 4.33 -3.36 26.10
C TYR C 101 4.52 -4.81 25.63
N VAL C 102 5.61 -5.04 24.92
CA VAL C 102 6.03 -6.38 24.57
C VAL C 102 6.52 -7.04 25.86
N GLY C 103 5.98 -8.21 26.18
CA GLY C 103 6.32 -8.92 27.41
C GLY C 103 6.08 -10.42 27.38
N PHE C 104 6.69 -11.14 28.32
CA PHE C 104 6.59 -12.59 28.38
C PHE C 104 6.59 -13.10 29.82
N THR C 105 6.01 -14.28 30.01
CA THR C 105 6.04 -14.95 31.31
C THR C 105 7.40 -15.63 31.50
N LYS C 106 7.61 -16.18 32.70
CA LYS C 106 8.80 -16.98 32.96
C LYS C 106 8.91 -18.22 32.05
N LYS C 107 7.81 -18.69 31.47
CA LYS C 107 7.85 -19.82 30.54
C LYS C 107 7.95 -19.40 29.07
N GLY C 108 8.18 -18.11 28.84
CA GLY C 108 8.33 -17.60 27.47
C GLY C 108 7.04 -17.37 26.72
N ARG C 109 5.90 -17.46 27.40
CA ARG C 109 4.61 -17.19 26.78
C ARG C 109 4.40 -15.68 26.67
N PRO C 110 3.98 -15.20 25.49
CA PRO C 110 3.73 -13.77 25.32
C PRO C 110 2.52 -13.27 26.10
N ARG C 111 2.61 -12.03 26.56
CA ARG C 111 1.60 -11.41 27.39
C ARG C 111 0.70 -10.47 26.57
N LYS C 112 -0.50 -10.21 27.08
CA LYS C 112 -1.44 -9.26 26.46
C LYS C 112 -1.06 -7.82 26.83
N GLY C 113 -0.91 -6.98 25.80
CA GLY C 113 -0.63 -5.54 25.99
C GLY C 113 -1.37 -4.85 27.11
N PRO C 114 -2.70 -4.91 27.11
CA PRO C 114 -3.50 -4.23 28.15
C PRO C 114 -3.12 -4.61 29.57
N LYS C 115 -2.67 -5.84 29.77
CA LYS C 115 -2.31 -6.32 31.10
C LYS C 115 -0.85 -6.08 31.44
N THR C 116 -0.13 -5.27 30.67
CA THR C 116 1.26 -4.93 30.95
C THR C 116 1.43 -3.49 31.42
N ARG C 117 2.63 -3.24 31.97
CA ARG C 117 3.07 -1.89 32.30
C ARG C 117 4.60 -1.89 32.41
N GLU C 118 5.17 -0.69 32.31
CA GLU C 118 6.60 -0.51 32.11
C GLU C 118 7.45 -1.08 33.22
N ASN C 119 6.96 -1.04 34.46
CA ASN C 119 7.77 -1.49 35.59
C ASN C 119 7.77 -3.01 35.79
N GLN C 120 6.97 -3.74 35.02
CA GLN C 120 6.98 -5.20 35.10
C GLN C 120 8.24 -5.78 34.50
N GLN C 121 8.83 -6.73 35.20
CA GLN C 121 9.99 -7.46 34.70
C GLN C 121 9.67 -8.14 33.38
N ASP C 122 8.44 -8.61 33.25
CA ASP C 122 7.97 -9.30 32.05
C ASP C 122 8.27 -8.50 30.79
N VAL C 123 8.37 -7.18 30.89
CA VAL C 123 8.55 -6.33 29.70
C VAL C 123 9.98 -5.83 29.54
N HIS C 124 10.91 -6.40 30.29
CA HIS C 124 12.30 -5.95 30.26
C HIS C 124 13.17 -6.87 29.42
N PHE C 125 13.99 -6.28 28.58
CA PHE C 125 14.79 -6.99 27.65
C PHE C 125 16.22 -6.48 27.67
N MET C 126 17.15 -7.32 27.25
CA MET C 126 18.54 -6.92 26.99
C MET C 126 18.87 -7.27 25.59
N LYS C 127 19.61 -6.44 24.91
CA LYS C 127 20.03 -6.73 23.55
C LYS C 127 21.28 -7.59 23.50
N ARG C 128 21.37 -8.44 22.49
CA ARG C 128 22.45 -9.38 22.39
C ARG C 128 22.96 -9.45 20.96
N TYR C 129 24.14 -8.85 20.72
CA TYR C 129 24.78 -8.72 19.40
C TYR C 129 25.69 -9.90 19.09
N LYS D 1 -15.11 -3.01 -11.99
CA LYS D 1 -15.21 -2.08 -10.83
C LYS D 1 -16.49 -1.22 -10.83
N GLN D 2 -17.36 -1.35 -11.84
CA GLN D 2 -18.62 -0.55 -11.89
C GLN D 2 -19.69 -1.17 -11.00
N LEU D 3 -20.46 -0.30 -10.34
CA LEU D 3 -21.37 -0.71 -9.28
C LEU D 3 -22.84 -0.59 -9.68
N ARG D 4 -23.65 -1.62 -9.36
CA ARG D 4 -25.08 -1.63 -9.68
C ARG D 4 -25.91 -2.14 -8.51
N LEU D 5 -27.13 -1.65 -8.42
CA LEU D 5 -28.07 -2.07 -7.37
C LEU D 5 -29.17 -2.88 -8.00
N TYR D 6 -29.43 -4.07 -7.48
CA TYR D 6 -30.60 -4.84 -7.91
C TYR D 6 -30.91 -6.03 -7.02
N GLN D 7 -31.92 -6.80 -7.42
CA GLN D 7 -32.35 -8.02 -6.73
C GLN D 7 -32.12 -9.23 -7.61
N LEU D 8 -31.93 -10.38 -6.97
CA LEU D 8 -31.78 -11.64 -7.69
C LEU D 8 -32.93 -12.57 -7.37
N TYR D 9 -33.75 -12.84 -8.38
CA TYR D 9 -34.91 -13.71 -8.27
C TYR D 9 -34.44 -15.13 -8.51
N SER D 10 -34.75 -16.02 -7.56
CA SER D 10 -34.43 -17.45 -7.67
C SER D 10 -35.48 -18.17 -8.51
N ARG D 11 -35.06 -18.78 -9.60
CA ARG D 11 -35.94 -19.62 -10.40
C ARG D 11 -36.72 -20.67 -9.58
N THR D 12 -36.08 -21.32 -8.62
CA THR D 12 -36.76 -22.39 -7.88
C THR D 12 -37.51 -21.85 -6.69
N SER D 13 -36.97 -20.86 -6.01
CA SER D 13 -37.58 -20.40 -4.77
C SER D 13 -38.73 -19.43 -5.03
N GLY D 14 -38.72 -18.75 -6.17
CA GLY D 14 -39.73 -17.77 -6.51
C GLY D 14 -39.63 -16.45 -5.76
N LYS D 15 -38.62 -16.31 -4.91
CA LYS D 15 -38.43 -15.11 -4.13
C LYS D 15 -37.00 -14.64 -4.39
N HIS D 16 -36.61 -13.57 -3.71
CA HIS D 16 -35.29 -12.99 -3.93
C HIS D 16 -34.27 -13.33 -2.85
N ILE D 17 -33.02 -13.35 -3.28
CA ILE D 17 -31.89 -13.57 -2.40
C ILE D 17 -31.84 -12.46 -1.36
N GLN D 18 -31.64 -12.89 -0.12
CA GLN D 18 -31.50 -12.03 1.03
C GLN D 18 -30.13 -12.24 1.69
N VAL D 19 -29.44 -11.15 1.96
CA VAL D 19 -28.27 -11.16 2.84
C VAL D 19 -28.77 -10.66 4.18
N LEU D 20 -29.09 -11.61 5.05
CA LEU D 20 -29.62 -11.34 6.37
C LEU D 20 -28.53 -11.05 7.40
N GLY D 21 -27.27 -11.16 7.00
CA GLY D 21 -26.14 -11.05 7.90
C GLY D 21 -25.24 -12.22 7.59
N ARG D 22 -24.83 -12.97 8.61
CA ARG D 22 -24.10 -14.23 8.38
C ARG D 22 -24.95 -15.20 7.54
N ARG D 23 -26.26 -15.22 7.80
CA ARG D 23 -27.15 -16.13 7.12
C ARG D 23 -27.56 -15.62 5.75
N ILE D 24 -27.65 -16.54 4.79
CA ILE D 24 -28.08 -16.25 3.41
C ILE D 24 -29.33 -17.05 3.13
N SER D 25 -30.26 -16.44 2.39
CA SER D 25 -31.51 -17.10 2.09
C SER D 25 -32.14 -16.48 0.84
N ALA D 26 -33.17 -17.13 0.28
CA ALA D 26 -33.86 -16.60 -0.91
C ALA D 26 -35.35 -16.61 -0.68
N ARG D 27 -35.78 -15.92 0.37
CA ARG D 27 -37.18 -15.84 0.74
C ARG D 27 -37.66 -14.39 0.74
N GLY D 28 -36.95 -13.51 0.03
CA GLY D 28 -37.26 -12.10 0.03
C GLY D 28 -38.37 -11.74 -0.93
N GLU D 29 -39.40 -11.05 -0.41
CA GLU D 29 -40.39 -10.45 -1.26
C GLU D 29 -39.72 -9.33 -2.05
N ASP D 30 -40.37 -8.90 -3.13
CA ASP D 30 -39.83 -7.81 -3.93
C ASP D 30 -39.75 -6.59 -3.02
N GLY D 31 -38.58 -5.96 -2.99
CA GLY D 31 -38.39 -4.77 -2.17
C GLY D 31 -37.93 -5.01 -0.75
N ASP D 32 -37.87 -6.26 -0.33
CA ASP D 32 -37.34 -6.60 1.00
C ASP D 32 -36.00 -5.90 1.15
N LYS D 33 -35.78 -5.26 2.29
CA LYS D 33 -34.57 -4.47 2.48
C LYS D 33 -33.30 -5.32 2.40
N TYR D 34 -33.37 -6.56 2.88
CA TYR D 34 -32.23 -7.48 2.84
C TYR D 34 -32.00 -8.09 1.46
N ALA D 35 -32.88 -7.81 0.49
CA ALA D 35 -32.74 -8.34 -0.86
C ALA D 35 -32.12 -7.33 -1.81
N GLN D 36 -31.88 -6.12 -1.34
CA GLN D 36 -31.25 -5.11 -2.16
C GLN D 36 -29.77 -5.39 -2.17
N LEU D 37 -29.23 -5.65 -3.36
CA LEU D 37 -27.85 -6.06 -3.49
C LEU D 37 -27.04 -5.02 -4.26
N LEU D 38 -25.95 -4.56 -3.65
CA LEU D 38 -24.95 -3.79 -4.37
C LEU D 38 -23.95 -4.77 -5.02
N VAL D 39 -23.87 -4.70 -6.35
CA VAL D 39 -23.09 -5.65 -7.11
C VAL D 39 -21.99 -4.89 -7.81
N GLU D 40 -20.76 -5.36 -7.62
CA GLU D 40 -19.62 -4.77 -8.29
C GLU D 40 -19.28 -5.68 -9.44
N THR D 41 -19.16 -5.13 -10.63
CA THR D 41 -18.90 -5.93 -11.81
C THR D 41 -17.59 -5.56 -12.45
N ASP D 42 -16.80 -6.60 -12.59
CA ASP D 42 -15.70 -6.67 -13.50
C ASP D 42 -16.24 -7.14 -14.85
N THR D 43 -16.50 -6.17 -15.73
CA THR D 43 -16.97 -6.48 -17.08
C THR D 43 -15.95 -7.29 -17.92
N PHE D 44 -14.66 -7.21 -17.58
CA PHE D 44 -13.64 -7.89 -18.36
C PHE D 44 -13.58 -9.38 -18.10
N GLY D 45 -13.86 -9.81 -16.87
CA GLY D 45 -13.79 -11.25 -16.54
C GLY D 45 -15.11 -11.85 -16.10
N SER D 46 -16.21 -11.11 -16.33
CA SER D 46 -17.53 -11.54 -15.90
C SER D 46 -17.53 -11.87 -14.44
N GLN D 47 -16.74 -11.19 -13.62
CA GLN D 47 -16.76 -11.49 -12.21
C GLN D 47 -17.63 -10.48 -11.51
N VAL D 48 -18.19 -10.90 -10.38
CA VAL D 48 -18.96 -10.01 -9.52
C VAL D 48 -18.71 -10.22 -8.02
N ARG D 49 -18.85 -9.16 -7.25
CA ARG D 49 -18.98 -9.24 -5.79
C ARG D 49 -20.35 -8.76 -5.44
N ILE D 50 -21.00 -9.46 -4.54
CA ILE D 50 -22.36 -9.17 -4.17
C ILE D 50 -22.44 -8.81 -2.69
N LYS D 51 -22.91 -7.59 -2.42
CA LYS D 51 -22.99 -7.04 -1.06
C LYS D 51 -24.43 -6.70 -0.75
N GLY D 52 -24.92 -7.17 0.39
CA GLY D 52 -26.24 -6.76 0.86
C GLY D 52 -26.19 -5.32 1.31
N LYS D 53 -27.04 -4.48 0.71
CA LYS D 53 -26.99 -3.04 1.00
C LYS D 53 -27.28 -2.74 2.47
N GLU D 54 -28.24 -3.45 3.04
CA GLU D 54 -28.67 -3.24 4.41
C GLU D 54 -27.63 -3.65 5.45
N THR D 55 -27.18 -4.89 5.39
CA THR D 55 -26.24 -5.42 6.36
C THR D 55 -24.79 -5.05 6.06
N GLU D 56 -24.49 -4.76 4.79
CA GLU D 56 -23.13 -4.49 4.32
C GLU D 56 -22.24 -5.74 4.34
N PHE D 57 -22.87 -6.90 4.37
CA PHE D 57 -22.15 -8.17 4.32
C PHE D 57 -22.07 -8.66 2.88
N TYR D 58 -20.92 -9.22 2.51
CA TYR D 58 -20.72 -9.80 1.18
C TYR D 58 -21.21 -11.24 1.17
N LEU D 59 -21.84 -11.62 0.06
CA LEU D 59 -22.21 -13.01 -0.20
C LEU D 59 -20.96 -13.77 -0.60
N CYS D 60 -20.69 -14.86 0.11
CA CYS D 60 -19.48 -15.64 -0.12
C CYS D 60 -19.78 -17.12 0.01
N MET D 61 -18.92 -17.94 -0.58
CA MET D 61 -19.00 -19.39 -0.47
C MET D 61 -17.73 -19.93 0.15
N ASN D 62 -17.87 -20.57 1.32
CA ASN D 62 -16.71 -21.10 2.03
C ASN D 62 -16.26 -22.46 1.46
N ARG D 63 -15.21 -23.03 2.04
CA ARG D 63 -14.60 -24.30 1.58
C ARG D 63 -15.53 -25.49 1.66
N LYS D 64 -16.49 -25.44 2.57
CA LYS D 64 -17.53 -26.46 2.66
C LYS D 64 -18.62 -26.26 1.62
N GLY D 65 -18.50 -25.21 0.81
CA GLY D 65 -19.49 -24.89 -0.20
C GLY D 65 -20.73 -24.21 0.34
N LYS D 66 -20.69 -23.79 1.60
CA LYS D 66 -21.81 -23.12 2.22
C LYS D 66 -21.82 -21.64 1.86
N LEU D 67 -22.99 -21.13 1.47
CA LEU D 67 -23.17 -19.69 1.28
C LEU D 67 -23.27 -19.03 2.62
N VAL D 68 -22.52 -17.94 2.78
CA VAL D 68 -22.46 -17.22 4.05
C VAL D 68 -22.26 -15.76 3.75
N GLY D 69 -22.74 -14.91 4.64
CA GLY D 69 -22.45 -13.49 4.55
C GLY D 69 -21.24 -13.15 5.39
N LYS D 70 -20.38 -12.27 4.89
CA LYS D 70 -19.17 -11.84 5.63
C LYS D 70 -18.93 -10.34 5.52
N PRO D 71 -18.47 -9.71 6.60
CA PRO D 71 -18.22 -8.27 6.52
C PRO D 71 -17.01 -7.95 5.64
N ASP D 72 -16.02 -8.83 5.63
CA ASP D 72 -14.84 -8.63 4.80
C ASP D 72 -15.01 -9.37 3.48
N GLY D 73 -14.97 -8.63 2.38
CA GLY D 73 -15.13 -9.22 1.06
C GLY D 73 -13.86 -9.28 0.24
N THR D 74 -12.71 -9.18 0.89
CA THR D 74 -11.43 -9.28 0.19
C THR D 74 -11.09 -10.69 -0.30
N SER D 75 -11.69 -11.71 0.30
CA SER D 75 -11.48 -13.08 -0.11
C SER D 75 -11.96 -13.37 -1.55
N LYS D 76 -11.30 -14.30 -2.22
CA LYS D 76 -11.76 -14.76 -3.51
C LYS D 76 -13.01 -15.66 -3.37
N GLU D 77 -13.25 -16.17 -2.17
CA GLU D 77 -14.50 -16.87 -1.86
C GLU D 77 -15.72 -15.95 -2.02
N CYS D 78 -15.49 -14.64 -2.08
CA CYS D 78 -16.59 -13.69 -2.19
C CYS D 78 -16.77 -13.17 -3.63
N VAL D 79 -16.17 -13.86 -4.60
CA VAL D 79 -16.27 -13.48 -6.00
C VAL D 79 -16.94 -14.61 -6.77
N PHE D 80 -17.78 -14.22 -7.72
CA PHE D 80 -18.49 -15.17 -8.54
C PHE D 80 -18.34 -14.81 -9.99
N ILE D 81 -18.44 -15.83 -10.83
CA ILE D 81 -18.39 -15.67 -12.27
C ILE D 81 -19.80 -15.68 -12.71
N GLU D 82 -20.16 -14.65 -13.45
CA GLU D 82 -21.52 -14.46 -13.87
C GLU D 82 -21.67 -14.99 -15.28
N LYS D 83 -22.55 -15.96 -15.45
CA LYS D 83 -22.80 -16.52 -16.78
C LYS D 83 -24.28 -16.43 -17.14
N VAL D 84 -24.58 -15.80 -18.27
CA VAL D 84 -25.93 -15.80 -18.82
C VAL D 84 -26.07 -17.07 -19.65
N LEU D 85 -26.95 -17.95 -19.23
CA LEU D 85 -27.09 -19.26 -19.85
C LEU D 85 -27.89 -19.20 -21.15
N GLU D 86 -27.90 -20.30 -21.90
CA GLU D 86 -28.66 -20.39 -23.15
C GLU D 86 -30.16 -20.24 -22.88
N ASN D 87 -30.60 -20.63 -21.68
CA ASN D 87 -32.01 -20.50 -21.31
C ASN D 87 -32.40 -19.13 -20.75
N ASN D 88 -31.47 -18.16 -20.80
CA ASN D 88 -31.69 -16.76 -20.38
C ASN D 88 -31.79 -16.49 -18.90
N TYR D 89 -31.47 -17.48 -18.08
CA TYR D 89 -31.25 -17.23 -16.68
C TYR D 89 -29.78 -16.96 -16.48
N THR D 90 -29.46 -16.39 -15.33
CA THR D 90 -28.10 -16.08 -14.97
C THR D 90 -27.69 -17.09 -13.91
N ALA D 91 -26.49 -17.64 -14.02
CA ALA D 91 -25.89 -18.42 -12.92
C ALA D 91 -24.67 -17.73 -12.35
N LEU D 92 -24.36 -18.08 -11.10
CA LEU D 92 -23.23 -17.51 -10.37
C LEU D 92 -22.33 -18.63 -9.85
N MET D 93 -21.22 -18.86 -10.56
CA MET D 93 -20.26 -19.90 -10.19
C MET D 93 -19.19 -19.31 -9.32
N SER D 94 -18.79 -20.02 -8.28
CA SER D 94 -17.69 -19.57 -7.45
C SER D 94 -16.42 -19.41 -8.27
N ALA D 95 -15.78 -18.27 -8.11
CA ALA D 95 -14.49 -17.99 -8.73
C ALA D 95 -13.36 -18.70 -8.00
N LYS D 96 -13.59 -19.10 -6.77
CA LYS D 96 -12.60 -19.83 -6.01
C LYS D 96 -12.71 -21.34 -6.25
N TYR D 97 -13.95 -21.82 -6.39
CA TYR D 97 -14.24 -23.25 -6.50
C TYR D 97 -15.03 -23.52 -7.76
N SER D 98 -14.33 -23.65 -8.87
CA SER D 98 -14.95 -23.85 -10.16
C SER D 98 -15.84 -25.08 -10.09
N GLY D 99 -16.97 -25.02 -10.80
CA GLY D 99 -17.96 -26.08 -10.75
C GLY D 99 -19.00 -25.98 -9.63
N TRP D 100 -18.81 -25.06 -8.69
CA TRP D 100 -19.76 -24.84 -7.57
C TRP D 100 -20.54 -23.56 -7.82
N TYR D 101 -21.85 -23.61 -7.54
CA TYR D 101 -22.75 -22.51 -7.89
C TYR D 101 -23.60 -22.05 -6.73
N VAL D 102 -23.99 -20.78 -6.78
CA VAL D 102 -24.95 -20.21 -5.86
C VAL D 102 -26.29 -20.81 -6.23
N GLY D 103 -26.97 -21.38 -5.25
CA GLY D 103 -28.27 -22.02 -5.50
C GLY D 103 -29.16 -22.13 -4.26
N PHE D 104 -30.44 -22.40 -4.49
CA PHE D 104 -31.41 -22.49 -3.41
C PHE D 104 -32.49 -23.53 -3.69
N THR D 105 -33.07 -24.05 -2.62
CA THR D 105 -34.20 -24.97 -2.74
C THR D 105 -35.49 -24.19 -3.01
N LYS D 106 -36.57 -24.90 -3.27
CA LYS D 106 -37.89 -24.28 -3.42
C LYS D 106 -38.33 -23.52 -2.16
N LYS D 107 -37.77 -23.87 -1.00
CA LYS D 107 -38.09 -23.15 0.24
C LYS D 107 -37.12 -22.02 0.56
N GLY D 108 -36.25 -21.69 -0.38
CA GLY D 108 -35.30 -20.60 -0.21
C GLY D 108 -34.08 -20.93 0.61
N ARG D 109 -33.89 -22.21 0.94
CA ARG D 109 -32.72 -22.63 1.69
C ARG D 109 -31.52 -22.71 0.74
N PRO D 110 -30.38 -22.15 1.15
CA PRO D 110 -29.19 -22.23 0.32
C PRO D 110 -28.61 -23.63 0.21
N ARG D 111 -28.03 -23.91 -0.95
CA ARG D 111 -27.48 -25.22 -1.27
C ARG D 111 -25.95 -25.25 -1.11
N LYS D 112 -25.40 -26.45 -0.92
CA LYS D 112 -23.94 -26.65 -0.85
C LYS D 112 -23.34 -26.68 -2.25
N GLY D 113 -22.33 -25.83 -2.48
CA GLY D 113 -21.58 -25.80 -3.74
C GLY D 113 -21.27 -27.13 -4.40
N PRO D 114 -20.61 -28.06 -3.68
CA PRO D 114 -20.24 -29.36 -4.24
C PRO D 114 -21.42 -30.12 -4.84
N LYS D 115 -22.60 -29.92 -4.28
CA LYS D 115 -23.77 -30.67 -4.74
C LYS D 115 -24.57 -29.94 -5.83
N THR D 116 -23.99 -28.90 -6.40
CA THR D 116 -24.64 -28.15 -7.47
C THR D 116 -23.99 -28.39 -8.81
N ARG D 117 -24.71 -27.97 -9.85
CA ARG D 117 -24.20 -27.92 -11.22
C ARG D 117 -25.02 -26.95 -12.03
N GLU D 118 -24.45 -26.50 -13.13
CA GLU D 118 -24.98 -25.39 -13.94
C GLU D 118 -26.39 -25.62 -14.45
N ASN D 119 -26.72 -26.86 -14.80
CA ASN D 119 -28.02 -27.13 -15.40
C ASN D 119 -29.16 -27.29 -14.38
N GLN D 120 -28.86 -27.27 -13.10
CA GLN D 120 -29.92 -27.27 -12.08
C GLN D 120 -30.68 -25.94 -12.03
N GLN D 121 -32.00 -26.04 -11.97
CA GLN D 121 -32.85 -24.86 -11.80
C GLN D 121 -32.49 -24.11 -10.53
N ASP D 122 -32.10 -24.86 -9.49
CA ASP D 122 -31.71 -24.29 -8.22
C ASP D 122 -30.69 -23.17 -8.37
N VAL D 123 -29.88 -23.20 -9.42
CA VAL D 123 -28.79 -22.23 -9.56
C VAL D 123 -29.11 -21.14 -10.57
N HIS D 124 -30.36 -21.04 -10.98
CA HIS D 124 -30.76 -20.07 -11.99
C HIS D 124 -31.41 -18.84 -11.37
N PHE D 125 -31.09 -17.67 -11.92
CA PHE D 125 -31.58 -16.41 -11.40
C PHE D 125 -31.97 -15.44 -12.49
N MET D 126 -32.91 -14.55 -12.18
CA MET D 126 -33.19 -13.38 -13.00
C MET D 126 -32.82 -12.13 -12.20
N LYS D 127 -32.26 -11.14 -12.88
CA LYS D 127 -31.97 -9.86 -12.24
C LYS D 127 -33.18 -8.96 -12.21
N ARG D 128 -33.30 -8.14 -11.17
CA ARG D 128 -34.47 -7.32 -10.98
C ARG D 128 -34.05 -5.93 -10.51
N TYR D 129 -34.04 -4.97 -11.46
CA TYR D 129 -33.63 -3.56 -11.24
C TYR D 129 -34.76 -2.76 -10.59
S SO4 E . -15.03 10.12 -21.74
O1 SO4 E . -14.94 8.90 -20.88
O2 SO4 E . -16.00 9.83 -22.80
O3 SO4 E . -13.76 10.56 -22.39
O4 SO4 E . -15.47 11.24 -20.89
S SO4 F . -11.82 9.54 -13.52
O1 SO4 F . -11.96 8.52 -12.45
O2 SO4 F . -13.05 9.55 -14.35
O3 SO4 F . -10.67 9.24 -14.38
O4 SO4 F . -11.58 10.86 -12.87
S SO4 G . 2.59 7.44 -31.73
O1 SO4 G . 3.74 6.53 -31.89
O2 SO4 G . 1.60 6.82 -30.82
O3 SO4 G . 1.93 7.63 -33.03
O4 SO4 G . 3.08 8.74 -31.20
S SO4 H . -10.53 -5.21 -3.43
O1 SO4 H . -10.06 -4.15 -2.51
O2 SO4 H . -10.87 -6.38 -2.59
O3 SO4 H . -9.52 -5.58 -4.47
O4 SO4 H . -11.71 -4.69 -4.16
S SO4 I . 31.11 12.65 5.96
O1 SO4 I . 32.37 13.27 5.48
O2 SO4 I . 31.30 11.80 7.15
O3 SO4 I . 30.53 11.82 4.87
O4 SO4 I . 30.21 13.77 6.27
S SO4 J . 25.32 31.95 5.63
O1 SO4 J . 25.68 32.42 6.98
O2 SO4 J . 24.51 30.72 5.81
O3 SO4 J . 26.52 31.64 4.83
O4 SO4 J . 24.52 32.98 4.94
S SO4 K . 26.61 18.99 -5.42
O1 SO4 K . 28.04 18.99 -5.84
O2 SO4 K . 26.40 17.91 -4.42
O3 SO4 K . 25.70 18.77 -6.58
O4 SO4 K . 26.30 20.31 -4.84
S SO4 L . -1.60 -12.24 30.09
O1 SO4 L . -0.69 -12.68 31.20
O2 SO4 L . -1.64 -13.22 28.97
O3 SO4 L . -1.09 -10.98 29.53
O4 SO4 L . -2.95 -12.06 30.65
S SO4 M . -7.80 2.86 18.16
O1 SO4 M . -7.19 1.85 19.07
O2 SO4 M . -8.71 2.19 17.20
O3 SO4 M . -6.73 3.64 17.47
O4 SO4 M . -8.64 3.76 18.99
S SO4 N . -8.09 -16.07 -1.42
O1 SO4 N . -6.81 -16.18 -0.66
O2 SO4 N . -8.33 -17.34 -2.14
O3 SO4 N . -7.97 -14.95 -2.39
O4 SO4 N . -9.21 -15.82 -0.47
S SO4 O . -16.18 -19.08 6.93
O1 SO4 O . -15.34 -20.06 6.18
O2 SO4 O . -16.24 -17.79 6.19
O3 SO4 O . -15.55 -18.85 8.24
O4 SO4 O . -17.57 -19.58 7.11
S SO4 P . -7.98 -25.07 -2.58
O1 SO4 P . -7.42 -26.43 -2.74
O2 SO4 P . -8.19 -24.46 -3.90
O3 SO4 P . -7.00 -24.22 -1.89
O4 SO4 P . -9.23 -25.20 -1.78
S SO4 Q . -27.90 -29.54 -0.40
O1 SO4 Q . -27.29 -29.11 0.87
O2 SO4 Q . -27.85 -31.00 -0.53
O3 SO4 Q . -27.12 -29.02 -1.54
O4 SO4 Q . -29.32 -29.06 -0.44
#